data_7LPJ
#
_entry.id   7LPJ
#
_cell.length_a   44.171
_cell.length_b   60.901
_cell.length_c   73.320
_cell.angle_alpha   82.913
_cell.angle_beta   77.583
_cell.angle_gamma   86.245
#
_symmetry.space_group_name_H-M   'P 1'
#
loop_
_entity.id
_entity.type
_entity.pdbx_description
1 polymer 'DNA-(apurinic or apyrimidinic site) lyase'
2 polymer "DNA (5'-D(*GP*GP*AP*TP*CP*CP*GP*TP*CP*GP*AP*GP*CP*GP*CP*AP*TP*CP*AP*GP*C)-3')"
3 polymer "DNA (5'-D(*GP*CP*TP*GP*AP*TP*GP*CP*GP*C)-R(P*(YA4))-D(P*CP*GP*AP*CP*GP*GP*AP*TP*CP*C)-3')"
4 non-polymer 'MANGANESE (II) ION'
5 water water
#
loop_
_entity_poly.entity_id
_entity_poly.type
_entity_poly.pdbx_seq_one_letter_code
_entity_poly.pdbx_strand_id
1 'polypeptide(L)'
;ALYEDPPDQKTSPSGKPATLKICSWNVDGLRAWIKKKGLDWVKEEAPDILCLQETKCSENKLPAELQELPGLSHQYWSAP
SDKEGYSGVGLLSRQAPLKVSYGIGDEEHDQEGRVIVAEFDSFVLVTAYVPNAGRGLVRLEYRQRWDEAFRKFLKGLASR
KPLVLCGDLNVAHEEIDLRNPKGNKKNAGFTPQERQGFGELLQAVPLADSFRHLYPNTPYAYTFWTYMMNARSKNVGWRL
DYFLLSHSLLPALCDSKIRSKALGSDHCPITLYLAL
;
B,D
2 'polydeoxyribonucleotide'
;(DG)(DG)(DA)(DT)(DC)(DC)(DG)(DT)(DC)(DG)(DA)(DG)(DC)(DG)(DC)(DA)(DT)(DC)(DA)(DG)
(DC)
;
C
3 'polydeoxyribonucleotide'
;(DG)(DC)(DT)(DG)(DA)(DT)(DG)(DC)(DG)(DC)(YA4)(DC)(DG)(DA)(DC)(DG)(DG)(DA)(DT)
(DC)(DC)
;
E
#
loop_
_chem_comp.id
_chem_comp.type
_chem_comp.name
_chem_comp.formula
DA DNA linking 2'-DEOXYADENOSINE-5'-MONOPHOSPHATE 'C10 H14 N5 O6 P'
DC DNA linking 2'-DEOXYCYTIDINE-5'-MONOPHOSPHATE 'C9 H14 N3 O7 P'
DG DNA linking 2'-DEOXYGUANOSINE-5'-MONOPHOSPHATE 'C10 H14 N5 O7 P'
DT DNA linking THYMIDINE-5'-MONOPHOSPHATE 'C10 H15 N2 O8 P'
MN non-polymer 'MANGANESE (II) ION' 'Mn 2'
YA4 RNA linking '[(2~{R},3~{S},4~{S})-3,4-bis(oxidanyl)oxolan-2-yl]methoxy-sulfanyl-phosphinic acid' 'C5 H11 O6 P S'
#
# COMPACT_ATOMS: atom_id res chain seq x y z
N ALA A 1 -16.12 12.36 1.95
CA ALA A 1 -17.41 12.21 1.24
C ALA A 1 -17.16 12.14 -0.28
N LEU A 2 -16.91 13.29 -0.91
CA LEU A 2 -16.65 13.33 -2.37
C LEU A 2 -15.14 13.18 -2.61
N TYR A 3 -14.71 13.10 -3.88
CA TYR A 3 -13.27 12.86 -4.13
C TYR A 3 -12.66 13.73 -5.22
N GLU A 4 -11.49 14.23 -4.91
CA GLU A 4 -10.75 15.00 -5.93
C GLU A 4 -9.51 14.15 -6.23
N ASP A 5 -9.36 13.72 -7.48
CA ASP A 5 -8.25 12.83 -7.86
C ASP A 5 -6.88 13.52 -7.72
N PRO A 6 -5.82 12.89 -7.15
CA PRO A 6 -4.47 13.51 -7.13
C PRO A 6 -4.02 13.92 -8.52
N PRO A 7 -3.01 14.78 -8.63
CA PRO A 7 -2.52 15.17 -9.96
C PRO A 7 -1.77 14.02 -10.62
N ASP A 8 -1.58 14.15 -11.93
CA ASP A 8 -0.96 13.07 -12.68
C ASP A 8 0.53 13.03 -12.38
N GLN A 9 0.96 11.91 -11.81
CA GLN A 9 2.40 11.66 -11.61
C GLN A 9 2.92 11.00 -12.87
N LYS A 10 3.68 11.74 -13.65
CA LYS A 10 4.15 11.23 -14.94
C LYS A 10 5.62 10.77 -14.90
N THR A 11 6.15 10.46 -13.72
CA THR A 11 7.48 9.85 -13.58
C THR A 11 7.41 8.65 -12.63
N SER A 12 8.22 7.64 -12.94
CA SER A 12 8.22 6.38 -12.22
C SER A 12 9.09 6.52 -10.96
N PRO A 13 9.03 5.54 -10.04
CA PRO A 13 9.89 5.64 -8.84
C PRO A 13 11.37 5.73 -9.17
N SER A 14 11.80 4.98 -10.18
CA SER A 14 13.18 5.01 -10.67
C SER A 14 13.56 6.34 -11.32
N GLY A 15 12.65 7.31 -11.35
CA GLY A 15 12.90 8.56 -12.04
C GLY A 15 12.77 8.52 -13.56
N LYS A 16 12.10 7.48 -14.14
CA LYS A 16 12.00 7.57 -15.60
C LYS A 16 10.64 8.14 -16.00
N PRO A 17 10.52 8.79 -17.16
CA PRO A 17 9.24 9.43 -17.52
C PRO A 17 8.35 8.53 -18.36
N ALA A 18 7.04 8.62 -18.08
CA ALA A 18 6.09 7.70 -18.68
C ALA A 18 6.03 7.87 -20.19
N THR A 19 5.78 6.77 -20.88
CA THR A 19 5.81 6.72 -22.35
C THR A 19 4.59 6.01 -22.89
N LEU A 20 3.54 5.90 -22.08
CA LEU A 20 2.39 5.10 -22.44
C LEU A 20 1.23 5.51 -21.55
N LYS A 21 0.24 6.13 -22.15
CA LYS A 21 -0.97 6.57 -21.49
C LYS A 21 -2.09 5.68 -21.99
N ILE A 22 -2.66 4.89 -21.08
CA ILE A 22 -3.77 4.01 -21.41
C ILE A 22 -5.00 4.47 -20.62
N CYS A 23 -6.13 4.55 -21.29
CA CYS A 23 -7.38 5.02 -20.73
C CYS A 23 -8.46 3.98 -20.98
N SER A 24 -9.19 3.60 -19.93
CA SER A 24 -10.36 2.74 -20.08
C SER A 24 -11.62 3.49 -19.65
N TRP A 25 -12.77 3.00 -20.08
CA TRP A 25 -14.02 3.73 -19.85
C TRP A 25 -15.24 2.87 -20.18
N ASN A 26 -16.18 2.73 -19.23
CA ASN A 26 -17.45 2.07 -19.54
C ASN A 26 -18.41 3.14 -20.01
N VAL A 27 -18.71 3.13 -21.31
CA VAL A 27 -19.48 4.19 -21.94
C VAL A 27 -20.98 3.99 -21.81
N ASP A 28 -21.42 2.88 -21.21
CA ASP A 28 -22.82 2.44 -21.14
C ASP A 28 -23.62 2.93 -22.34
N GLY A 29 -23.33 2.36 -23.51
CA GLY A 29 -23.91 2.77 -24.79
C GLY A 29 -22.99 3.66 -25.59
N LEU A 30 -22.33 3.10 -26.60
CA LEU A 30 -21.29 3.84 -27.31
C LEU A 30 -21.86 4.98 -28.12
N ARG A 31 -23.10 4.84 -28.60
CA ARG A 31 -23.67 5.90 -29.40
C ARG A 31 -24.08 7.09 -28.52
N ALA A 32 -24.72 6.81 -27.37
CA ALA A 32 -25.09 7.88 -26.45
C ALA A 32 -23.85 8.60 -25.90
N TRP A 33 -22.87 7.83 -25.43
CA TRP A 33 -21.64 8.42 -24.87
C TRP A 33 -21.00 9.37 -25.86
N ILE A 34 -21.04 9.02 -27.15
CA ILE A 34 -20.45 9.86 -28.19
C ILE A 34 -21.21 11.16 -28.32
N LYS A 35 -22.53 11.08 -28.30
CA LYS A 35 -23.38 12.29 -28.41
C LYS A 35 -23.19 13.18 -27.18
N LYS A 36 -22.87 12.59 -26.03
CA LYS A 36 -22.65 13.35 -24.77
C LYS A 36 -21.20 13.86 -24.70
N LYS A 37 -20.51 13.94 -25.84
CA LYS A 37 -19.18 14.59 -25.95
C LYS A 37 -18.00 13.73 -25.51
N GLY A 38 -18.19 12.42 -25.43
CA GLY A 38 -17.12 11.50 -25.02
C GLY A 38 -15.92 11.61 -25.94
N LEU A 39 -16.12 11.58 -27.25
CA LEU A 39 -14.92 11.65 -28.07
C LEU A 39 -14.15 12.95 -27.82
N ASP A 40 -14.86 14.06 -27.64
CA ASP A 40 -14.16 15.32 -27.40
C ASP A 40 -13.31 15.20 -26.15
N TRP A 41 -13.82 14.53 -25.11
CA TRP A 41 -13.01 14.32 -23.93
C TRP A 41 -11.83 13.40 -24.20
N VAL A 42 -12.04 12.31 -24.95
CA VAL A 42 -10.91 11.42 -25.18
C VAL A 42 -9.82 12.17 -25.93
N LYS A 43 -10.22 13.06 -26.84
CA LYS A 43 -9.24 13.83 -27.59
C LYS A 43 -8.38 14.70 -26.67
N GLU A 44 -8.98 15.23 -25.60
CA GLU A 44 -8.24 16.08 -24.68
C GLU A 44 -7.29 15.27 -23.82
N GLU A 45 -7.77 14.12 -23.32
CA GLU A 45 -6.95 13.16 -22.56
C GLU A 45 -5.79 12.61 -23.38
N ALA A 46 -5.97 12.48 -24.69
CA ALA A 46 -4.89 12.12 -25.61
C ALA A 46 -4.16 10.83 -25.21
N PRO A 47 -4.90 9.75 -24.94
CA PRO A 47 -4.24 8.49 -24.61
C PRO A 47 -3.62 7.84 -25.84
N ASP A 48 -2.57 7.03 -25.59
CA ASP A 48 -2.04 6.14 -26.64
C ASP A 48 -2.94 4.94 -26.87
N ILE A 49 -3.73 4.52 -25.89
CA ILE A 49 -4.67 3.42 -26.08
C ILE A 49 -5.96 3.73 -25.31
N LEU A 50 -7.09 3.52 -25.97
CA LEU A 50 -8.40 3.71 -25.32
C LEU A 50 -9.15 2.37 -25.32
N CYS A 51 -9.66 1.99 -24.17
CA CYS A 51 -10.44 0.72 -24.05
C CYS A 51 -11.84 1.10 -23.65
N LEU A 52 -12.83 0.45 -24.24
CA LEU A 52 -14.24 0.84 -24.02
C LEU A 52 -15.08 -0.39 -23.68
N GLN A 53 -15.97 -0.30 -22.69
CA GLN A 53 -16.83 -1.40 -22.29
C GLN A 53 -18.29 -0.98 -22.37
N GLU A 54 -19.17 -1.99 -22.55
CA GLU A 54 -20.60 -1.77 -22.76
C GLU A 54 -20.84 -0.83 -23.94
N THR A 55 -20.26 -1.17 -25.09
CA THR A 55 -20.52 -0.33 -26.26
C THR A 55 -21.98 -0.40 -26.68
N LYS A 56 -22.64 -1.57 -26.50
CA LYS A 56 -24.04 -1.74 -26.88
C LYS A 56 -24.28 -1.33 -28.32
N CYS A 57 -23.42 -1.77 -29.24
CA CYS A 57 -23.52 -1.31 -30.63
C CYS A 57 -22.75 -2.23 -31.56
N SER A 58 -23.46 -2.77 -32.56
CA SER A 58 -22.87 -3.65 -33.57
C SER A 58 -21.85 -2.90 -34.40
N GLU A 59 -20.99 -3.65 -35.10
CA GLU A 59 -20.02 -2.95 -35.93
C GLU A 59 -20.69 -2.32 -37.15
N ASN A 60 -21.85 -2.86 -37.54
CA ASN A 60 -22.73 -2.17 -38.49
C ASN A 60 -22.89 -0.70 -38.14
N LYS A 61 -23.35 -0.47 -36.93
CA LYS A 61 -23.77 0.91 -36.59
C LYS A 61 -22.67 1.73 -35.94
N LEU A 62 -21.42 1.35 -36.12
CA LEU A 62 -20.36 2.11 -35.39
C LEU A 62 -20.30 3.50 -35.99
N PRO A 63 -20.55 4.57 -35.22
CA PRO A 63 -20.55 5.90 -35.77
C PRO A 63 -19.21 6.29 -36.43
N ALA A 64 -19.25 6.98 -37.58
CA ALA A 64 -18.03 7.37 -38.27
C ALA A 64 -17.38 8.62 -37.68
N GLU A 65 -17.95 9.18 -36.61
CA GLU A 65 -17.16 10.07 -35.75
C GLU A 65 -15.92 9.38 -35.16
N LEU A 66 -15.92 8.04 -35.06
CA LEU A 66 -14.76 7.30 -34.56
C LEU A 66 -13.59 7.36 -35.54
N GLN A 67 -13.89 7.42 -36.83
CA GLN A 67 -12.82 7.52 -37.83
C GLN A 67 -12.18 8.90 -37.76
N GLU A 68 -12.80 9.83 -37.01
CA GLU A 68 -12.25 11.19 -36.82
C GLU A 68 -11.26 11.21 -35.65
N LEU A 69 -10.77 10.04 -35.24
CA LEU A 69 -9.73 9.97 -34.20
C LEU A 69 -8.42 9.42 -34.78
N PRO A 70 -7.59 10.19 -35.50
CA PRO A 70 -6.31 9.69 -35.99
C PRO A 70 -5.20 9.28 -35.00
N GLY A 71 -5.25 9.67 -33.71
CA GLY A 71 -4.27 9.25 -32.71
C GLY A 71 -4.69 7.93 -32.14
N LEU A 72 -5.82 7.42 -32.60
CA LEU A 72 -6.30 6.08 -32.19
C LEU A 72 -6.88 5.46 -33.45
N SER A 73 -6.09 5.37 -34.53
CA SER A 73 -6.53 4.89 -35.86
C SER A 73 -6.80 3.39 -35.90
N HIS A 74 -6.02 2.62 -35.17
CA HIS A 74 -6.17 1.14 -35.17
C HIS A 74 -7.28 0.79 -34.18
N GLN A 75 -8.47 0.47 -34.70
CA GLN A 75 -9.65 0.23 -33.86
C GLN A 75 -10.18 -1.18 -34.03
N TYR A 76 -10.42 -1.86 -32.91
CA TYR A 76 -10.88 -3.26 -32.92
C TYR A 76 -12.14 -3.30 -32.07
N TRP A 77 -13.12 -4.10 -32.45
CA TRP A 77 -14.43 -4.11 -31.75
C TRP A 77 -14.97 -5.53 -31.59
N SER A 78 -15.44 -5.89 -30.40
CA SER A 78 -16.04 -7.21 -30.13
C SER A 78 -17.50 -6.98 -29.83
N ALA A 79 -18.34 -7.82 -30.39
CA ALA A 79 -19.77 -7.64 -30.21
C ALA A 79 -20.45 -9.00 -30.01
N PRO A 80 -21.39 -9.18 -29.05
CA PRO A 80 -22.15 -10.43 -29.00
C PRO A 80 -23.02 -10.48 -30.24
N SER A 81 -23.29 -11.69 -30.70
CA SER A 81 -24.08 -11.83 -31.93
C SER A 81 -25.54 -12.05 -31.58
N ASP A 82 -25.78 -12.81 -30.52
CA ASP A 82 -27.17 -13.15 -30.14
C ASP A 82 -27.95 -11.89 -29.81
N LYS A 83 -27.53 -11.17 -28.77
CA LYS A 83 -28.31 -10.00 -28.32
C LYS A 83 -27.72 -8.68 -28.79
N GLU A 84 -28.49 -7.88 -29.53
CA GLU A 84 -28.03 -6.54 -29.86
C GLU A 84 -28.32 -5.59 -28.70
N GLY A 85 -27.60 -4.47 -28.70
CA GLY A 85 -27.71 -3.54 -27.61
C GLY A 85 -27.36 -4.12 -26.27
N TYR A 86 -26.47 -5.11 -26.26
CA TYR A 86 -25.95 -5.72 -25.06
C TYR A 86 -24.43 -5.72 -25.13
N SER A 87 -23.77 -5.35 -24.03
CA SER A 87 -22.33 -5.60 -23.83
C SER A 87 -21.52 -4.98 -24.99
N GLY A 88 -20.45 -5.64 -25.43
CA GLY A 88 -19.57 -5.07 -26.42
C GLY A 88 -18.40 -4.32 -25.80
N VAL A 89 -17.21 -4.50 -26.38
CA VAL A 89 -16.00 -3.81 -25.95
C VAL A 89 -15.25 -3.39 -27.20
N GLY A 90 -14.33 -2.45 -27.03
CA GLY A 90 -13.58 -1.91 -28.14
C GLY A 90 -12.22 -1.45 -27.68
N LEU A 91 -11.23 -1.57 -28.57
CA LEU A 91 -9.87 -1.16 -28.26
C LEU A 91 -9.37 -0.29 -29.40
N LEU A 92 -9.02 0.95 -29.09
CA LEU A 92 -8.49 1.91 -30.05
C LEU A 92 -7.05 2.24 -29.63
N SER A 93 -6.10 2.19 -30.58
CA SER A 93 -4.68 2.34 -30.27
C SER A 93 -3.97 3.21 -31.31
N ARG A 94 -2.99 4.01 -30.84
CA ARG A 94 -2.12 4.73 -31.76
C ARG A 94 -1.36 3.76 -32.64
N GLN A 95 -0.56 2.88 -32.04
CA GLN A 95 0.13 1.83 -32.79
C GLN A 95 -0.77 0.60 -32.99
N ALA A 96 -0.60 -0.03 -34.14
CA ALA A 96 -1.22 -1.33 -34.33
C ALA A 96 -0.62 -2.36 -33.39
N PRO A 97 -1.44 -3.20 -32.77
CA PRO A 97 -0.90 -4.35 -32.02
C PRO A 97 -0.32 -5.42 -32.94
N LEU A 98 0.51 -6.29 -32.34
CA LEU A 98 1.10 -7.42 -33.13
C LEU A 98 0.00 -8.47 -33.36
N LYS A 99 -0.61 -8.97 -32.28
CA LYS A 99 -1.63 -10.05 -32.41
C LYS A 99 -2.94 -9.60 -31.75
N VAL A 100 -4.08 -9.88 -32.39
CA VAL A 100 -5.41 -9.46 -31.85
C VAL A 100 -6.33 -10.67 -31.66
N SER A 101 -6.71 -10.96 -30.41
CA SER A 101 -7.62 -12.04 -30.07
C SER A 101 -8.96 -11.49 -29.54
N TYR A 102 -9.99 -12.36 -29.54
CA TYR A 102 -11.28 -12.04 -28.92
C TYR A 102 -11.80 -13.23 -28.14
N GLY A 103 -12.37 -12.96 -26.95
CA GLY A 103 -12.90 -14.02 -26.10
C GLY A 103 -11.79 -14.75 -25.37
N ILE A 104 -12.20 -15.76 -24.60
CA ILE A 104 -11.25 -16.51 -23.77
C ILE A 104 -11.36 -18.02 -23.98
N GLY A 105 -11.64 -18.44 -25.21
CA GLY A 105 -11.66 -19.86 -25.52
C GLY A 105 -13.05 -20.40 -25.83
N ASP A 106 -14.01 -20.09 -24.96
CA ASP A 106 -15.29 -20.80 -24.89
C ASP A 106 -16.33 -20.32 -25.89
N GLU A 107 -15.96 -20.10 -27.15
CA GLU A 107 -16.89 -19.48 -28.11
C GLU A 107 -17.10 -20.40 -29.32
N GLN A 111 -19.31 -14.33 -29.60
CA GLN A 111 -20.60 -14.76 -29.03
C GLN A 111 -20.97 -13.95 -27.76
N GLU A 112 -19.97 -13.43 -27.04
CA GLU A 112 -20.22 -12.64 -25.79
C GLU A 112 -19.83 -11.17 -25.93
N GLY A 113 -18.76 -10.89 -26.65
CA GLY A 113 -18.29 -9.50 -26.83
C GLY A 113 -17.87 -8.84 -25.55
N ARG A 114 -16.90 -9.41 -24.85
CA ARG A 114 -16.53 -8.87 -23.52
C ARG A 114 -15.04 -8.71 -23.39
N VAL A 115 -14.24 -9.46 -24.14
CA VAL A 115 -12.81 -9.46 -23.90
C VAL A 115 -12.06 -9.26 -25.22
N ILE A 116 -11.24 -8.22 -25.28
CA ILE A 116 -10.30 -8.02 -26.37
C ILE A 116 -8.91 -8.17 -25.79
N VAL A 117 -8.05 -8.92 -26.48
CA VAL A 117 -6.69 -9.20 -26.01
C VAL A 117 -5.74 -8.76 -27.11
N ALA A 118 -4.82 -7.83 -26.78
CA ALA A 118 -3.94 -7.19 -27.75
C ALA A 118 -2.50 -7.30 -27.26
N GLU A 119 -1.68 -8.04 -28.01
CA GLU A 119 -0.25 -8.17 -27.74
C GLU A 119 0.49 -7.00 -28.35
N PHE A 120 1.26 -6.31 -27.53
CA PHE A 120 2.09 -5.19 -28.02
C PHE A 120 3.55 -5.63 -27.91
N ASP A 121 4.49 -4.72 -28.18
CA ASP A 121 5.93 -5.06 -28.18
C ASP A 121 6.41 -5.47 -26.79
N SER A 122 6.05 -4.72 -25.77
CA SER A 122 6.61 -5.00 -24.43
C SER A 122 5.61 -5.68 -23.52
N PHE A 123 4.34 -5.78 -23.94
CA PHE A 123 3.41 -6.32 -22.95
C PHE A 123 2.15 -6.82 -23.65
N VAL A 124 1.20 -7.30 -22.84
CA VAL A 124 -0.05 -7.85 -23.33
C VAL A 124 -1.18 -7.13 -22.62
N LEU A 125 -2.05 -6.48 -23.39
CA LEU A 125 -3.19 -5.74 -22.84
C LEU A 125 -4.47 -6.55 -23.02
N VAL A 126 -5.27 -6.62 -21.95
CA VAL A 126 -6.59 -7.29 -22.00
C VAL A 126 -7.64 -6.28 -21.53
N THR A 127 -8.74 -6.15 -22.25
CA THR A 127 -9.85 -5.29 -21.79
C THR A 127 -11.03 -6.20 -21.51
N ALA A 128 -11.77 -5.93 -20.45
CA ALA A 128 -12.86 -6.84 -20.09
C ALA A 128 -14.10 -6.12 -19.59
N TYR A 129 -15.25 -6.58 -20.04
CA TYR A 129 -16.51 -6.07 -19.52
C TYR A 129 -17.13 -7.26 -18.81
N VAL A 130 -16.67 -7.46 -17.56
CA VAL A 130 -16.96 -8.69 -16.81
C VAL A 130 -18.46 -8.81 -16.58
N PRO A 131 -19.05 -9.98 -16.76
CA PRO A 131 -20.50 -10.12 -16.55
C PRO A 131 -20.90 -9.67 -15.16
N ASN A 132 -21.96 -8.87 -15.09
CA ASN A 132 -22.53 -8.46 -13.81
C ASN A 132 -23.43 -9.57 -13.25
N ALA A 133 -23.45 -9.74 -11.94
CA ALA A 133 -24.20 -10.86 -11.38
C ALA A 133 -25.70 -10.73 -11.57
N GLY A 134 -26.20 -9.51 -11.77
CA GLY A 134 -27.61 -9.30 -12.01
C GLY A 134 -28.35 -8.86 -10.75
N ARG A 135 -29.40 -8.08 -10.96
CA ARG A 135 -30.24 -7.71 -9.82
C ARG A 135 -30.81 -8.98 -9.22
N GLY A 136 -30.82 -9.05 -7.89
CA GLY A 136 -31.25 -10.26 -7.21
C GLY A 136 -30.42 -11.48 -7.55
N LEU A 137 -29.17 -11.29 -7.94
CA LEU A 137 -28.20 -12.38 -8.10
C LEU A 137 -28.64 -13.43 -9.12
N VAL A 138 -29.33 -13.01 -10.20
CA VAL A 138 -29.85 -13.97 -11.17
C VAL A 138 -28.72 -14.62 -11.98
N ARG A 139 -27.60 -13.92 -12.16
CA ARG A 139 -26.49 -14.42 -12.96
C ARG A 139 -25.25 -14.70 -12.11
N LEU A 140 -25.35 -14.72 -10.78
CA LEU A 140 -24.16 -14.89 -9.94
C LEU A 140 -23.44 -16.20 -10.23
N GLU A 141 -24.19 -17.30 -10.26
CA GLU A 141 -23.53 -18.57 -10.50
C GLU A 141 -22.92 -18.63 -11.90
N TYR A 142 -23.32 -17.76 -12.82
CA TYR A 142 -22.61 -17.72 -14.12
C TYR A 142 -21.31 -16.93 -13.94
N ARG A 143 -21.36 -15.81 -13.22
CA ARG A 143 -20.18 -14.94 -13.02
C ARG A 143 -19.08 -15.75 -12.32
N GLN A 144 -19.47 -16.68 -11.48
CA GLN A 144 -18.50 -17.52 -10.75
C GLN A 144 -17.78 -18.41 -11.77
N ARG A 145 -18.52 -19.01 -12.70
CA ARG A 145 -17.76 -19.80 -13.66
C ARG A 145 -16.96 -18.88 -14.57
N TRP A 146 -17.49 -17.70 -14.88
CA TRP A 146 -16.73 -16.72 -15.65
C TRP A 146 -15.43 -16.37 -14.94
N ASP A 147 -15.50 -16.09 -13.64
CA ASP A 147 -14.30 -15.72 -12.91
C ASP A 147 -13.24 -16.79 -13.01
N GLU A 148 -13.63 -18.06 -12.88
CA GLU A 148 -12.66 -19.14 -13.00
C GLU A 148 -12.07 -19.20 -14.40
N ALA A 149 -12.93 -19.10 -15.43
CA ALA A 149 -12.45 -19.19 -16.80
C ALA A 149 -11.50 -18.07 -17.13
N PHE A 150 -11.90 -16.84 -16.79
CA PHE A 150 -11.08 -15.66 -17.05
C PHE A 150 -9.70 -15.82 -16.45
N ARG A 151 -9.64 -16.32 -15.23
CA ARG A 151 -8.40 -16.53 -14.50
C ARG A 151 -7.48 -17.51 -15.21
N LYS A 152 -7.97 -18.73 -15.47
CA LYS A 152 -7.16 -19.73 -16.14
C LYS A 152 -6.71 -19.24 -17.51
N PHE A 153 -7.63 -18.71 -18.32
CA PHE A 153 -7.22 -18.09 -19.57
C PHE A 153 -6.12 -17.04 -19.33
N LEU A 154 -6.24 -16.21 -18.30
CA LEU A 154 -5.26 -15.11 -18.15
C LEU A 154 -3.91 -15.62 -17.70
N LYS A 155 -3.90 -16.68 -16.91
CA LYS A 155 -2.61 -17.16 -16.36
C LYS A 155 -1.83 -17.78 -17.51
N GLY A 156 -2.50 -18.26 -18.55
CA GLY A 156 -1.80 -18.76 -19.73
C GLY A 156 -1.16 -17.65 -20.57
N LEU A 157 -1.63 -16.43 -20.43
CA LEU A 157 -1.11 -15.30 -21.24
C LEU A 157 0.08 -14.71 -20.49
N ALA A 158 0.05 -14.81 -19.15
CA ALA A 158 1.13 -14.18 -18.36
C ALA A 158 2.36 -15.10 -18.39
N SER A 159 2.21 -16.31 -18.91
CA SER A 159 3.39 -17.16 -19.12
C SER A 159 4.32 -16.58 -20.19
N ARG A 160 3.83 -15.61 -20.97
CA ARG A 160 4.59 -14.91 -22.00
C ARG A 160 5.07 -13.55 -21.47
N LYS A 161 4.46 -12.48 -21.96
CA LYS A 161 4.82 -11.12 -21.60
C LYS A 161 4.13 -10.70 -20.32
N PRO A 162 4.51 -9.55 -19.76
CA PRO A 162 3.72 -9.01 -18.64
C PRO A 162 2.33 -8.62 -19.12
N LEU A 163 1.44 -8.45 -18.16
CA LEU A 163 0.03 -8.24 -18.42
C LEU A 163 -0.44 -6.90 -17.88
N VAL A 164 -1.27 -6.21 -18.66
CA VAL A 164 -2.08 -5.12 -18.15
C VAL A 164 -3.52 -5.52 -18.41
N LEU A 165 -4.32 -5.58 -17.36
CA LEU A 165 -5.75 -5.88 -17.50
C LEU A 165 -6.53 -4.69 -16.98
N CYS A 166 -7.39 -4.14 -17.83
CA CYS A 166 -8.21 -3.01 -17.48
C CYS A 166 -9.65 -3.29 -17.89
N GLY A 167 -10.57 -2.52 -17.32
CA GLY A 167 -11.95 -2.53 -17.76
C GLY A 167 -12.91 -2.54 -16.60
N ASP A 168 -14.19 -2.72 -16.92
CA ASP A 168 -15.21 -2.87 -15.88
C ASP A 168 -15.12 -4.31 -15.38
N LEU A 169 -14.59 -4.48 -14.16
CA LEU A 169 -14.49 -5.82 -13.59
C LEU A 169 -15.67 -6.16 -12.73
N ASN A 170 -16.65 -5.28 -12.65
CA ASN A 170 -17.95 -5.52 -11.96
C ASN A 170 -17.77 -6.11 -10.57
N VAL A 171 -16.72 -5.69 -9.87
CA VAL A 171 -16.53 -6.13 -8.48
C VAL A 171 -15.78 -5.06 -7.71
N ALA A 172 -16.30 -4.64 -6.56
CA ALA A 172 -15.53 -3.80 -5.68
C ALA A 172 -14.79 -4.72 -4.71
N HIS A 173 -13.46 -4.60 -4.65
CA HIS A 173 -12.66 -5.58 -3.90
C HIS A 173 -12.94 -5.50 -2.41
N GLU A 174 -12.49 -4.43 -1.75
CA GLU A 174 -12.64 -4.26 -0.31
C GLU A 174 -13.67 -3.20 -0.01
N GLU A 175 -13.95 -3.05 1.29
CA GLU A 175 -14.95 -2.11 1.73
C GLU A 175 -14.58 -0.68 1.36
N ILE A 176 -13.28 -0.36 1.35
CA ILE A 176 -12.84 0.98 0.98
C ILE A 176 -13.17 1.32 -0.46
N ASP A 177 -13.58 0.33 -1.25
CA ASP A 177 -13.85 0.49 -2.68
C ASP A 177 -15.28 0.92 -2.97
N LEU A 178 -16.12 1.05 -1.95
CA LEU A 178 -17.48 1.54 -2.16
C LEU A 178 -17.87 2.34 -0.94
N ARG A 179 -18.99 3.07 -1.05
CA ARG A 179 -19.46 3.86 0.08
C ARG A 179 -20.49 3.10 0.92
N ASN A 180 -21.12 2.05 0.38
CA ASN A 180 -22.13 1.29 1.13
C ASN A 180 -21.69 -0.17 1.29
N PRO A 181 -20.59 -0.43 2.00
CA PRO A 181 -20.13 -1.82 2.11
C PRO A 181 -21.12 -2.76 2.76
N LYS A 182 -21.86 -2.31 3.78
CA LYS A 182 -22.67 -3.21 4.60
C LYS A 182 -24.07 -3.41 4.05
N GLY A 183 -24.61 -2.42 3.34
CA GLY A 183 -25.88 -2.59 2.63
C GLY A 183 -25.78 -3.24 1.26
N ASN A 184 -24.69 -3.96 0.99
CA ASN A 184 -24.51 -4.49 -0.35
C ASN A 184 -24.00 -5.92 -0.45
N LYS A 185 -23.49 -6.55 0.61
CA LYS A 185 -22.84 -7.84 0.40
C LYS A 185 -23.81 -8.97 0.11
N LYS A 186 -25.04 -8.65 -0.29
CA LYS A 186 -25.87 -9.62 -1.00
C LYS A 186 -26.33 -9.06 -2.34
N ASN A 187 -25.59 -8.09 -2.88
CA ASN A 187 -25.95 -7.42 -4.13
C ASN A 187 -24.81 -7.49 -5.14
N ALA A 188 -25.20 -7.57 -6.42
CA ALA A 188 -24.24 -7.79 -7.49
C ALA A 188 -23.12 -6.76 -7.42
N GLY A 189 -21.90 -7.25 -7.22
CA GLY A 189 -20.73 -6.39 -7.22
C GLY A 189 -20.00 -6.34 -5.89
N PHE A 190 -20.59 -6.87 -4.81
CA PHE A 190 -19.93 -6.90 -3.51
C PHE A 190 -20.30 -8.14 -2.71
N THR A 191 -20.77 -9.19 -3.37
CA THR A 191 -21.03 -10.44 -2.69
C THR A 191 -19.69 -11.10 -2.36
N PRO A 192 -19.67 -12.03 -1.40
CA PRO A 192 -18.37 -12.62 -1.02
C PRO A 192 -17.78 -13.54 -2.09
N GLN A 193 -18.60 -14.08 -2.98
CA GLN A 193 -18.09 -14.86 -4.11
C GLN A 193 -17.30 -13.97 -5.06
N GLU A 194 -17.93 -12.89 -5.51
CA GLU A 194 -17.26 -11.95 -6.40
C GLU A 194 -16.03 -11.34 -5.77
N ARG A 195 -16.12 -10.96 -4.49
CA ARG A 195 -14.99 -10.34 -3.81
C ARG A 195 -13.78 -11.26 -3.73
N GLN A 196 -14.03 -12.52 -3.42
CA GLN A 196 -12.93 -13.51 -3.29
C GLN A 196 -12.44 -13.94 -4.68
N GLY A 197 -13.31 -13.95 -5.68
CA GLY A 197 -12.89 -14.30 -7.05
C GLY A 197 -11.92 -13.30 -7.59
N PHE A 198 -12.08 -12.06 -7.17
CA PHE A 198 -11.14 -11.01 -7.57
C PHE A 198 -9.81 -11.14 -6.84
N GLY A 199 -9.83 -11.62 -5.59
CA GLY A 199 -8.58 -11.96 -4.92
C GLY A 199 -7.90 -13.16 -5.54
N GLU A 200 -8.67 -14.18 -5.90
CA GLU A 200 -8.14 -15.30 -6.66
C GLU A 200 -7.43 -14.80 -7.91
N LEU A 201 -8.07 -13.89 -8.63
CA LEU A 201 -7.46 -13.28 -9.79
C LEU A 201 -6.09 -12.69 -9.46
N LEU A 202 -6.03 -11.83 -8.44
CA LEU A 202 -4.76 -11.22 -8.03
C LEU A 202 -3.71 -12.25 -7.64
N GLN A 203 -4.14 -13.46 -7.28
CA GLN A 203 -3.27 -14.52 -6.77
C GLN A 203 -2.81 -15.46 -7.86
N ALA A 204 -3.75 -16.00 -8.64
CA ALA A 204 -3.40 -16.98 -9.66
C ALA A 204 -2.38 -16.46 -10.65
N VAL A 205 -2.58 -15.24 -11.14
CA VAL A 205 -1.88 -14.85 -12.37
C VAL A 205 -0.40 -14.63 -12.09
N PRO A 206 0.02 -13.76 -11.14
CA PRO A 206 -0.71 -12.84 -10.27
C PRO A 206 -0.71 -11.44 -10.85
N LEU A 207 -1.26 -10.50 -10.09
CA LEU A 207 -1.49 -9.14 -10.54
C LEU A 207 -1.63 -8.25 -9.32
N ALA A 208 -1.43 -6.96 -9.55
CA ALA A 208 -1.61 -5.99 -8.46
C ALA A 208 -2.65 -4.98 -8.91
N ASP A 209 -3.42 -4.42 -7.98
CA ASP A 209 -4.36 -3.33 -8.29
C ASP A 209 -3.56 -2.03 -8.37
N SER A 210 -3.25 -1.56 -9.56
CA SER A 210 -2.43 -0.33 -9.75
C SER A 210 -2.89 0.78 -8.84
N PHE A 211 -4.18 1.06 -8.86
CA PHE A 211 -4.59 2.24 -8.10
C PHE A 211 -4.42 2.01 -6.60
N ARG A 212 -4.83 0.82 -6.12
CA ARG A 212 -4.73 0.55 -4.70
C ARG A 212 -3.29 0.29 -4.28
N HIS A 213 -2.40 -0.02 -5.21
CA HIS A 213 -0.99 -0.09 -4.83
C HIS A 213 -0.50 1.29 -4.40
N LEU A 214 -0.66 2.30 -5.27
CA LEU A 214 -0.17 3.64 -4.96
C LEU A 214 -1.05 4.39 -3.96
N TYR A 215 -2.33 4.04 -3.82
CA TYR A 215 -3.24 4.76 -2.93
C TYR A 215 -3.96 3.77 -2.02
N PRO A 216 -3.24 3.21 -1.02
CA PRO A 216 -3.78 2.08 -0.25
C PRO A 216 -4.82 2.46 0.79
N ASN A 217 -4.72 3.67 1.35
CA ASN A 217 -5.67 4.10 2.37
C ASN A 217 -6.75 5.04 1.82
N THR A 218 -6.64 5.42 0.55
CA THR A 218 -7.50 6.48 0.02
C THR A 218 -8.93 5.98 -0.11
N PRO A 219 -9.87 6.51 0.66
CA PRO A 219 -11.28 6.08 0.53
C PRO A 219 -12.07 6.99 -0.38
N TYR A 220 -13.31 6.62 -0.68
CA TYR A 220 -14.24 7.44 -1.45
C TYR A 220 -13.80 7.66 -2.89
N ALA A 221 -12.99 6.75 -3.45
CA ALA A 221 -12.51 6.84 -4.83
C ALA A 221 -13.25 5.79 -5.67
N TYR A 222 -14.29 6.24 -6.38
CA TYR A 222 -15.19 5.34 -7.10
C TYR A 222 -15.09 5.58 -8.60
N THR A 223 -15.43 4.56 -9.38
CA THR A 223 -15.50 4.75 -10.83
C THR A 223 -16.91 4.57 -11.38
N PHE A 224 -17.91 4.35 -10.53
CA PHE A 224 -19.26 4.14 -11.02
C PHE A 224 -20.25 4.65 -9.99
N TRP A 225 -21.26 5.38 -10.45
CA TRP A 225 -22.37 5.78 -9.60
C TRP A 225 -23.65 5.45 -10.34
N THR A 226 -24.58 4.77 -9.67
CA THR A 226 -25.88 4.55 -10.29
C THR A 226 -26.46 5.88 -10.75
N TYR A 227 -27.13 5.85 -11.92
CA TYR A 227 -27.80 7.04 -12.42
C TYR A 227 -28.80 7.56 -11.38
N MET A 228 -29.54 6.65 -10.75
CA MET A 228 -30.66 7.01 -9.89
C MET A 228 -30.21 7.77 -8.64
N MET A 229 -31.18 8.46 -8.03
CA MET A 229 -31.08 9.10 -6.70
C MET A 229 -29.92 10.07 -6.57
N ASN A 230 -29.52 10.70 -7.68
CA ASN A 230 -28.41 11.67 -7.73
C ASN A 230 -27.18 11.17 -6.95
N ALA A 231 -26.93 9.86 -7.08
CA ALA A 231 -25.87 9.22 -6.32
C ALA A 231 -24.50 9.77 -6.70
N ARG A 232 -24.29 10.11 -7.97
CA ARG A 232 -23.02 10.69 -8.36
C ARG A 232 -22.82 12.04 -7.69
N SER A 233 -23.90 12.80 -7.50
CA SER A 233 -23.81 14.06 -6.77
C SER A 233 -23.27 13.84 -5.36
N LYS A 234 -23.64 12.71 -4.73
CA LYS A 234 -23.31 12.40 -3.35
C LYS A 234 -22.11 11.46 -3.21
N ASN A 235 -21.38 11.21 -4.30
CA ASN A 235 -20.32 10.22 -4.33
C ASN A 235 -20.73 8.91 -3.67
N VAL A 236 -21.98 8.50 -3.88
CA VAL A 236 -22.40 7.15 -3.50
C VAL A 236 -22.11 6.31 -4.74
N GLY A 237 -20.87 5.84 -4.83
CA GLY A 237 -20.39 5.11 -5.98
C GLY A 237 -19.58 3.89 -5.60
N TRP A 238 -19.03 3.24 -6.62
CA TRP A 238 -18.25 2.02 -6.48
C TRP A 238 -16.97 2.14 -7.31
N ARG A 239 -15.97 1.34 -6.94
CA ARG A 239 -14.77 1.23 -7.79
C ARG A 239 -14.89 -0.11 -8.51
N LEU A 240 -15.28 -0.07 -9.79
CA LEU A 240 -15.49 -1.31 -10.58
C LEU A 240 -14.54 -1.33 -11.77
N ASP A 241 -13.89 -0.20 -12.06
CA ASP A 241 -13.01 -0.09 -13.22
C ASP A 241 -11.56 -0.11 -12.73
N TYR A 242 -10.77 -1.04 -13.26
CA TYR A 242 -9.47 -1.35 -12.69
C TYR A 242 -8.38 -1.32 -13.76
N PHE A 243 -7.15 -1.16 -13.27
CA PHE A 243 -5.93 -1.39 -14.03
C PHE A 243 -5.11 -2.41 -13.23
N LEU A 244 -5.22 -3.68 -13.58
CA LEU A 244 -4.43 -4.71 -12.92
C LEU A 244 -3.10 -4.88 -13.65
N LEU A 245 -2.01 -5.02 -12.90
CA LEU A 245 -0.68 -5.03 -13.49
C LEU A 245 0.08 -6.25 -13.02
N SER A 246 0.71 -6.94 -13.96
CA SER A 246 1.77 -7.88 -13.63
C SER A 246 2.72 -7.25 -12.63
N HIS A 247 3.18 -8.07 -11.67
CA HIS A 247 4.18 -7.59 -10.71
C HIS A 247 5.42 -7.11 -11.44
N SER A 248 5.77 -7.81 -12.51
CA SER A 248 6.85 -7.44 -13.40
C SER A 248 6.87 -5.97 -13.74
N LEU A 249 5.69 -5.33 -13.73
CA LEU A 249 5.52 -4.01 -14.32
C LEU A 249 5.49 -2.87 -13.30
N LEU A 250 5.30 -3.18 -12.02
CA LEU A 250 5.18 -2.12 -11.02
C LEU A 250 6.31 -1.10 -11.05
N PRO A 251 7.58 -1.46 -11.27
CA PRO A 251 8.63 -0.42 -11.37
C PRO A 251 8.42 0.58 -12.52
N ALA A 252 7.57 0.26 -13.49
CA ALA A 252 7.18 1.19 -14.55
C ALA A 252 5.91 1.96 -14.21
N LEU A 253 5.23 1.62 -13.14
CA LEU A 253 3.96 2.23 -12.83
C LEU A 253 4.20 3.66 -12.39
N CYS A 254 3.87 4.61 -13.26
CA CYS A 254 3.98 6.02 -12.90
C CYS A 254 2.76 6.49 -12.09
N ASP A 255 1.56 6.18 -12.55
CA ASP A 255 0.35 6.62 -11.85
C ASP A 255 -0.85 5.96 -12.50
N SER A 256 -1.90 5.77 -11.71
CA SER A 256 -3.15 5.22 -12.20
C SER A 256 -4.28 6.10 -11.69
N LYS A 257 -5.03 6.72 -12.60
CA LYS A 257 -5.95 7.80 -12.29
C LYS A 257 -7.42 7.37 -12.30
N ILE A 258 -8.25 8.22 -11.70
CA ILE A 258 -9.71 8.17 -11.79
C ILE A 258 -10.18 9.54 -12.27
N ARG A 259 -10.84 9.58 -13.43
CA ARG A 259 -11.23 10.86 -14.05
C ARG A 259 -12.68 11.20 -13.69
N SER A 260 -12.89 11.43 -12.38
CA SER A 260 -14.24 11.50 -11.80
C SER A 260 -15.09 12.63 -12.38
N LYS A 261 -14.47 13.58 -13.09
CA LYS A 261 -15.17 14.74 -13.60
C LYS A 261 -15.58 14.62 -15.07
N ALA A 262 -15.15 13.58 -15.78
CA ALA A 262 -15.57 13.40 -17.16
C ALA A 262 -16.94 12.74 -17.16
N LEU A 263 -17.90 13.41 -17.78
CA LEU A 263 -19.26 12.91 -17.80
C LEU A 263 -19.44 12.09 -19.06
N GLY A 264 -20.60 11.44 -19.16
CA GLY A 264 -20.90 10.72 -20.38
C GLY A 264 -21.57 9.40 -20.14
N SER A 265 -21.48 8.89 -18.92
CA SER A 265 -21.90 7.52 -18.66
C SER A 265 -22.07 7.36 -17.16
N ASP A 266 -22.58 6.22 -16.73
CA ASP A 266 -22.72 5.90 -15.28
C ASP A 266 -21.33 5.58 -14.72
N HIS A 267 -20.39 5.29 -15.61
CA HIS A 267 -19.01 5.02 -15.19
C HIS A 267 -18.13 6.18 -15.64
N CYS A 268 -17.01 6.36 -14.96
CA CYS A 268 -16.07 7.46 -15.28
C CYS A 268 -14.80 6.90 -15.94
N PRO A 269 -13.88 7.69 -16.55
CA PRO A 269 -12.67 7.11 -17.10
C PRO A 269 -11.61 6.90 -16.03
N ILE A 270 -10.71 5.97 -16.33
CA ILE A 270 -9.49 5.77 -15.58
C ILE A 270 -8.34 5.83 -16.57
N THR A 271 -7.17 6.16 -16.06
CA THR A 271 -6.04 6.36 -16.95
C THR A 271 -4.79 5.84 -16.28
N LEU A 272 -3.95 5.14 -17.05
CA LEU A 272 -2.77 4.51 -16.50
C LEU A 272 -1.54 5.05 -17.22
N TYR A 273 -0.50 5.37 -16.46
CA TYR A 273 0.79 5.79 -17.01
C TYR A 273 1.84 4.72 -16.73
N LEU A 274 2.52 4.28 -17.76
CA LEU A 274 3.63 3.37 -17.57
C LEU A 274 4.86 3.99 -18.19
N ALA A 275 5.95 4.04 -17.43
CA ALA A 275 7.28 4.34 -17.98
C ALA A 275 7.85 3.03 -18.52
N LEU A 276 7.68 2.81 -19.82
CA LEU A 276 8.01 1.56 -20.51
C LEU A 276 9.17 1.72 -21.48
N ALA C 1 24.79 0.72 -2.58
CA ALA C 1 25.97 1.49 -2.23
C ALA C 1 25.89 1.87 -0.75
N LEU C 2 26.60 2.93 -0.31
CA LEU C 2 26.50 3.42 1.06
C LEU C 2 25.39 4.48 1.15
N TYR C 3 25.05 4.89 2.37
CA TYR C 3 23.94 5.80 2.62
C TYR C 3 24.42 6.92 3.52
N GLU C 4 24.06 8.16 3.18
CA GLU C 4 24.37 9.36 3.95
C GLU C 4 23.03 10.01 4.26
N ASP C 5 22.62 9.92 5.51
CA ASP C 5 21.35 10.41 5.99
C ASP C 5 21.26 11.92 5.79
N PRO C 6 20.33 12.41 4.98
CA PRO C 6 20.13 13.87 4.80
C PRO C 6 20.09 14.60 6.13
N PRO C 7 20.39 15.91 6.13
CA PRO C 7 20.56 16.64 7.39
C PRO C 7 19.22 16.90 8.08
N ASP C 8 19.33 17.27 9.37
CA ASP C 8 18.16 17.34 10.25
C ASP C 8 17.27 18.51 9.84
N GLN C 9 16.05 18.20 9.41
CA GLN C 9 15.04 19.25 9.12
C GLN C 9 14.25 19.48 10.40
N LYS C 10 14.45 20.63 11.02
CA LYS C 10 13.82 20.96 12.30
C LYS C 10 12.71 21.98 12.17
N THR C 11 12.11 22.08 10.98
CA THR C 11 10.97 22.95 10.74
C THR C 11 9.90 22.19 9.99
N SER C 12 8.67 22.27 10.50
CA SER C 12 7.53 21.67 9.85
C SER C 12 7.52 22.09 8.37
N PRO C 13 6.84 21.29 7.45
CA PRO C 13 6.76 21.73 6.03
C PRO C 13 6.11 23.09 5.91
N SER C 14 5.77 23.63 7.05
CA SER C 14 4.81 24.70 7.22
C SER C 14 5.36 25.91 7.95
N GLY C 15 6.59 25.84 8.49
CA GLY C 15 7.25 26.95 9.12
C GLY C 15 7.42 26.80 10.62
N LYS C 16 6.55 26.02 11.25
CA LYS C 16 6.65 25.87 12.69
C LYS C 16 7.89 25.04 13.04
N PRO C 17 8.60 25.40 14.10
CA PRO C 17 9.80 24.67 14.47
C PRO C 17 9.48 23.50 15.37
N ALA C 18 10.33 22.48 15.30
CA ALA C 18 10.08 21.27 16.07
C ALA C 18 10.19 21.55 17.57
N THR C 19 9.35 20.84 18.35
CA THR C 19 9.31 20.96 19.80
C THR C 19 9.51 19.65 20.52
N LEU C 20 9.51 18.53 19.82
CA LEU C 20 9.62 17.25 20.50
C LEU C 20 10.49 16.37 19.63
N LYS C 21 11.52 15.80 20.24
CA LYS C 21 12.50 14.99 19.52
C LYS C 21 12.51 13.63 20.19
N ILE C 22 11.95 12.62 19.52
CA ILE C 22 11.94 11.25 20.02
C ILE C 22 13.03 10.45 19.30
N CYS C 23 13.68 9.58 20.06
CA CYS C 23 14.69 8.68 19.51
C CYS C 23 14.43 7.28 20.05
N SER C 24 14.38 6.31 19.14
CA SER C 24 14.17 4.90 19.45
C SER C 24 15.40 4.10 19.03
N TRP C 25 15.77 3.09 19.81
CA TRP C 25 16.98 2.36 19.49
C TRP C 25 16.93 0.92 19.98
N ASN C 26 17.07 -0.05 19.07
CA ASN C 26 17.33 -1.43 19.48
C ASN C 26 18.81 -1.52 19.85
N VAL C 27 19.08 -1.77 21.13
CA VAL C 27 20.43 -1.63 21.65
C VAL C 27 21.13 -2.97 21.80
N ASP C 28 20.43 -4.06 21.55
CA ASP C 28 21.01 -5.40 21.54
C ASP C 28 21.79 -5.67 22.82
N GLY C 29 21.06 -5.58 23.93
CA GLY C 29 21.63 -5.77 25.23
C GLY C 29 21.94 -4.43 25.86
N LEU C 30 21.05 -3.98 26.73
CA LEU C 30 21.21 -2.66 27.35
C LEU C 30 22.56 -2.53 28.02
N ARG C 31 23.03 -3.52 28.76
CA ARG C 31 24.30 -3.35 29.54
C ARG C 31 25.50 -3.36 28.60
N ALA C 32 25.44 -4.15 27.55
CA ALA C 32 26.49 -4.15 26.52
C ALA C 32 26.59 -2.77 25.90
N TRP C 33 25.48 -2.20 25.47
CA TRP C 33 25.42 -0.89 24.78
C TRP C 33 26.00 0.22 25.63
N ILE C 34 25.71 0.20 26.92
CA ILE C 34 26.27 1.20 27.86
C ILE C 34 27.77 0.95 28.01
N LYS C 35 28.22 -0.29 28.12
CA LYS C 35 29.65 -0.57 28.16
C LYS C 35 30.35 -0.15 26.86
N LYS C 36 29.63 -0.13 25.73
CA LYS C 36 30.24 0.36 24.49
C LYS C 36 29.75 1.76 24.14
N LYS C 37 29.44 2.57 25.16
CA LYS C 37 29.31 4.03 25.10
C LYS C 37 28.01 4.51 24.49
N GLY C 38 26.96 3.67 24.52
CA GLY C 38 25.68 4.08 23.93
C GLY C 38 25.14 5.33 24.56
N LEU C 39 25.32 5.47 25.88
CA LEU C 39 24.75 6.60 26.59
C LEU C 39 25.42 7.91 26.17
N ASP C 40 26.65 7.86 25.69
CA ASP C 40 27.30 9.08 25.25
C ASP C 40 26.65 9.59 23.98
N TRP C 41 26.32 8.71 23.04
CA TRP C 41 25.60 9.18 21.86
C TRP C 41 24.21 9.70 22.22
N VAL C 42 23.59 9.16 23.27
CA VAL C 42 22.27 9.66 23.66
C VAL C 42 22.36 11.10 24.16
N LYS C 43 23.33 11.37 25.05
CA LYS C 43 23.53 12.75 25.51
C LYS C 43 23.79 13.69 24.33
N GLU C 44 24.60 13.26 23.37
CA GLU C 44 24.83 14.04 22.16
C GLU C 44 23.51 14.34 21.45
N GLU C 45 22.57 13.37 21.46
CA GLU C 45 21.35 13.50 20.66
C GLU C 45 20.25 14.21 21.43
N ALA C 46 20.29 14.14 22.76
CA ALA C 46 19.50 15.00 23.63
C ALA C 46 17.99 14.94 23.36
N PRO C 47 17.38 13.71 23.35
CA PRO C 47 15.98 13.56 23.04
C PRO C 47 15.05 13.86 24.21
N ASP C 48 13.82 14.17 23.87
CA ASP C 48 12.81 14.44 24.92
C ASP C 48 12.34 13.08 25.42
N ILE C 49 12.28 12.10 24.54
CA ILE C 49 11.88 10.72 24.90
C ILE C 49 12.85 9.76 24.25
N LEU C 50 13.22 8.68 24.94
CA LEU C 50 14.10 7.63 24.38
C LEU C 50 13.46 6.27 24.60
N CYS C 51 13.22 5.54 23.53
CA CYS C 51 12.69 4.18 23.59
C CYS C 51 13.80 3.24 23.22
N LEU C 52 14.06 2.28 24.08
CA LEU C 52 15.04 1.25 23.80
C LEU C 52 14.34 -0.09 23.67
N GLN C 53 14.81 -0.89 22.72
CA GLN C 53 14.28 -2.22 22.51
C GLN C 53 15.37 -3.24 22.76
N GLU C 54 14.94 -4.43 23.18
CA GLU C 54 15.84 -5.53 23.53
C GLU C 54 16.88 -5.06 24.57
N THR C 55 16.35 -4.64 25.73
CA THR C 55 17.24 -4.34 26.85
C THR C 55 17.97 -5.58 27.36
N LYS C 56 17.38 -6.78 27.22
CA LYS C 56 17.96 -8.03 27.76
C LYS C 56 18.44 -7.84 29.20
N CYS C 57 17.66 -7.14 30.01
CA CYS C 57 18.13 -6.76 31.34
C CYS C 57 16.94 -6.36 32.21
N SER C 58 16.93 -6.82 33.47
CA SER C 58 15.83 -6.51 34.38
C SER C 58 16.13 -5.25 35.18
N GLU C 59 15.09 -4.74 35.85
CA GLU C 59 15.21 -3.42 36.46
C GLU C 59 16.29 -3.39 37.54
N ASN C 60 16.40 -4.45 38.34
CA ASN C 60 17.38 -4.37 39.42
C ASN C 60 18.79 -4.27 38.87
N LYS C 61 19.03 -4.79 37.66
CA LYS C 61 20.35 -4.86 37.07
C LYS C 61 20.71 -3.69 36.18
N LEU C 62 19.84 -2.69 36.00
CA LEU C 62 20.17 -1.53 35.17
C LEU C 62 21.42 -0.84 35.71
N PRO C 63 22.34 -0.46 34.84
CA PRO C 63 23.55 0.24 35.31
C PRO C 63 23.20 1.59 35.90
N ALA C 64 24.00 2.00 36.89
CA ALA C 64 23.78 3.29 37.54
C ALA C 64 23.83 4.46 36.58
N GLU C 65 24.50 4.29 35.42
CA GLU C 65 24.53 5.28 34.37
C GLU C 65 23.12 5.83 34.14
N LEU C 66 22.11 4.97 34.11
CA LEU C 66 20.74 5.42 33.82
C LEU C 66 20.17 6.36 34.90
N GLN C 67 20.53 6.15 36.16
CA GLN C 67 20.04 6.98 37.30
C GLN C 67 20.82 8.28 37.31
N GLU C 68 21.45 8.61 36.21
CA GLU C 68 22.32 9.76 36.09
C GLU C 68 22.09 10.52 34.79
N LEU C 69 20.92 10.36 34.16
CA LEU C 69 20.61 11.22 33.04
C LEU C 69 19.59 12.22 33.54
N PRO C 70 19.94 13.50 33.58
CA PRO C 70 18.99 14.49 34.11
C PRO C 70 17.83 14.70 33.14
N GLY C 71 18.16 14.86 31.84
CA GLY C 71 17.18 15.13 30.80
C GLY C 71 16.18 14.02 30.54
N LEU C 72 16.41 12.82 31.09
CA LEU C 72 15.57 11.65 30.90
C LEU C 72 15.24 11.02 32.26
N SER C 73 14.66 11.83 33.13
CA SER C 73 14.41 11.46 34.52
C SER C 73 13.36 10.34 34.66
N HIS C 74 12.37 10.36 33.80
CA HIS C 74 11.20 9.44 33.93
C HIS C 74 11.45 8.14 33.18
N GLN C 75 11.65 7.03 33.90
CA GLN C 75 12.08 5.76 33.28
C GLN C 75 11.12 4.59 33.56
N TYR C 76 10.73 3.86 32.51
CA TYR C 76 9.74 2.80 32.59
C TYR C 76 10.34 1.62 31.85
N TRP C 77 10.15 0.42 32.40
CA TRP C 77 10.78 -0.76 31.84
C TRP C 77 9.80 -1.91 31.99
N SER C 78 9.93 -2.89 31.10
CA SER C 78 9.30 -4.19 31.29
C SER C 78 10.15 -5.23 30.57
N ALA C 79 10.39 -6.32 31.26
CA ALA C 79 11.18 -7.42 30.72
C ALA C 79 10.29 -8.65 30.78
N PRO C 80 10.60 -9.74 30.07
CA PRO C 80 9.83 -10.95 30.16
C PRO C 80 9.62 -11.52 31.56
N SER C 81 8.58 -12.31 31.69
CA SER C 81 8.26 -12.94 32.98
C SER C 81 9.27 -14.05 33.33
N ASP C 82 9.53 -15.00 32.42
CA ASP C 82 10.44 -16.11 32.73
C ASP C 82 11.73 -16.10 31.95
N LYS C 83 11.70 -15.74 30.66
CA LYS C 83 12.89 -15.72 29.80
C LYS C 83 13.79 -14.54 30.17
N GLU C 84 14.56 -14.72 31.26
CA GLU C 84 15.47 -13.66 31.69
C GLU C 84 16.63 -13.51 30.71
N GLY C 85 17.10 -12.27 30.54
CA GLY C 85 18.12 -11.98 29.55
C GLY C 85 17.64 -11.97 28.12
N TYR C 86 16.35 -11.72 27.90
CA TYR C 86 15.68 -11.82 26.61
C TYR C 86 14.77 -10.61 26.45
N SER C 87 14.65 -10.12 25.20
CA SER C 87 13.66 -9.09 24.87
C SER C 87 13.75 -7.88 25.78
N GLY C 88 12.61 -7.31 26.17
CA GLY C 88 12.58 -6.20 27.10
C GLY C 88 12.73 -4.85 26.44
N VAL C 89 11.79 -3.93 26.73
CA VAL C 89 11.81 -2.56 26.23
C VAL C 89 11.84 -1.59 27.40
N GLY C 90 12.25 -0.37 27.10
CA GLY C 90 12.30 0.68 28.09
C GLY C 90 11.92 1.99 27.45
N LEU C 91 11.31 2.87 28.23
CA LEU C 91 10.95 4.20 27.80
C LEU C 91 11.50 5.18 28.82
N LEU C 92 12.20 6.20 28.33
CA LEU C 92 12.83 7.23 29.19
C LEU C 92 12.41 8.60 28.67
N SER C 93 11.80 9.43 29.50
CA SER C 93 11.27 10.72 29.03
C SER C 93 11.73 11.90 29.88
N ARG C 94 11.73 13.10 29.31
CA ARG C 94 12.07 14.34 30.03
C ARG C 94 10.91 14.73 30.93
N GLN C 95 9.70 14.68 30.39
CA GLN C 95 8.58 14.97 31.27
C GLN C 95 7.80 13.71 31.61
N ALA C 96 7.14 13.75 32.76
CA ALA C 96 6.35 12.62 33.17
C ALA C 96 5.22 12.41 32.16
N PRO C 97 4.96 11.18 31.75
CA PRO C 97 3.73 10.89 31.01
C PRO C 97 2.50 11.07 31.88
N LEU C 98 1.35 11.11 31.23
CA LEU C 98 0.11 11.10 32.00
C LEU C 98 -0.35 9.70 32.37
N LYS C 99 -0.02 8.68 31.54
CA LYS C 99 -0.42 7.29 31.75
C LYS C 99 0.71 6.39 31.24
N VAL C 100 0.96 5.27 31.94
CA VAL C 100 1.94 4.30 31.48
C VAL C 100 1.41 2.90 31.70
N SER C 101 1.54 2.05 30.68
CA SER C 101 1.02 0.69 30.73
C SER C 101 1.90 -0.19 29.86
N TYR C 102 1.63 -1.51 29.92
CA TYR C 102 2.46 -2.52 29.30
C TYR C 102 1.62 -3.53 28.56
N GLY C 103 2.16 -4.01 27.47
CA GLY C 103 1.46 -4.98 26.67
C GLY C 103 0.30 -4.40 25.89
N ILE C 104 -0.46 -5.32 25.31
CA ILE C 104 -1.61 -4.98 24.47
C ILE C 104 -2.91 -5.63 24.99
N GLY C 105 -3.00 -5.98 26.26
CA GLY C 105 -4.27 -6.58 26.69
C GLY C 105 -4.47 -7.94 26.06
N ASP C 106 -3.44 -8.78 26.09
CA ASP C 106 -3.52 -10.17 25.59
C ASP C 106 -2.40 -10.92 26.30
N GLU C 107 -2.72 -11.69 27.33
CA GLU C 107 -1.70 -12.43 28.11
C GLU C 107 -0.84 -13.22 27.14
N GLU C 108 -1.47 -13.68 26.05
CA GLU C 108 -0.77 -14.53 25.06
C GLU C 108 0.36 -13.76 24.38
N HIS C 109 0.22 -12.46 24.28
CA HIS C 109 1.18 -11.69 23.46
C HIS C 109 2.13 -10.85 24.30
N ASP C 110 1.86 -10.67 25.58
CA ASP C 110 2.74 -9.78 26.37
C ASP C 110 3.20 -10.38 27.68
N GLN C 111 4.01 -11.42 27.57
CA GLN C 111 4.66 -12.02 28.75
C GLN C 111 6.13 -11.89 28.40
N GLU C 112 6.43 -11.23 27.29
CA GLU C 112 7.82 -11.18 26.78
C GLU C 112 8.35 -9.76 26.83
N GLY C 113 7.70 -8.87 27.57
CA GLY C 113 8.17 -7.49 27.75
C GLY C 113 8.45 -6.77 26.45
N ARG C 114 7.45 -6.68 25.59
CA ARG C 114 7.74 -6.14 24.26
C ARG C 114 7.13 -4.77 24.00
N VAL C 115 6.29 -4.23 24.88
CA VAL C 115 5.49 -3.07 24.51
C VAL C 115 5.26 -2.20 25.75
N ILE C 116 5.62 -0.92 25.63
CA ILE C 116 5.29 0.13 26.61
C ILE C 116 4.41 1.16 25.93
N VAL C 117 3.37 1.61 26.64
CA VAL C 117 2.42 2.63 26.15
C VAL C 117 2.52 3.84 27.07
N ALA C 118 2.64 5.03 26.49
CA ALA C 118 2.88 6.24 27.28
C ALA C 118 2.06 7.40 26.71
N GLU C 119 1.06 7.87 27.46
CA GLU C 119 0.18 8.94 26.99
C GLU C 119 0.67 10.26 27.53
N PHE C 120 0.90 11.21 26.62
CA PHE C 120 1.28 12.58 26.96
C PHE C 120 0.07 13.51 26.72
N ASP C 121 0.29 14.82 26.92
CA ASP C 121 -0.82 15.78 26.80
C ASP C 121 -1.44 15.78 25.42
N SER C 122 -0.64 15.56 24.39
CA SER C 122 -1.06 15.81 23.04
C SER C 122 -1.00 14.60 22.11
N PHE C 123 -0.45 13.47 22.58
CA PHE C 123 -0.38 12.29 21.73
C PHE C 123 -0.14 11.06 22.59
N VAL C 124 -0.26 9.90 21.96
CA VAL C 124 -0.05 8.61 22.60
C VAL C 124 1.13 7.96 21.91
N LEU C 125 2.15 7.59 22.68
CA LEU C 125 3.36 6.99 22.15
C LEU C 125 3.38 5.50 22.50
N VAL C 126 3.66 4.66 21.52
CA VAL C 126 3.81 3.23 21.73
C VAL C 126 5.18 2.82 21.24
N THR C 127 5.95 2.16 22.08
CA THR C 127 7.18 1.56 21.62
C THR C 127 7.07 0.04 21.74
N ALA C 128 7.63 -0.67 20.76
CA ALA C 128 7.40 -2.10 20.61
C ALA C 128 8.67 -2.80 20.15
N TYR C 129 8.93 -3.99 20.71
CA TYR C 129 9.94 -4.92 20.22
C TYR C 129 9.20 -6.12 19.67
N VAL C 130 8.86 -6.07 18.37
CA VAL C 130 7.94 -7.01 17.70
C VAL C 130 8.58 -8.40 17.63
N PRO C 131 7.86 -9.47 17.99
CA PRO C 131 8.47 -10.81 18.00
C PRO C 131 8.96 -11.23 16.62
N ASN C 132 10.16 -11.82 16.57
CA ASN C 132 10.78 -12.18 15.30
C ASN C 132 10.34 -13.58 14.85
N ALA C 133 10.20 -13.71 13.53
CA ALA C 133 9.86 -14.98 12.91
C ALA C 133 10.94 -16.06 13.08
N GLY C 134 12.13 -15.71 13.53
CA GLY C 134 13.14 -16.68 13.89
C GLY C 134 13.79 -17.34 12.69
N ARG C 135 14.93 -17.99 12.95
CA ARG C 135 15.62 -18.74 11.92
C ARG C 135 14.72 -19.82 11.38
N GLY C 136 14.73 -19.98 10.06
CA GLY C 136 13.87 -20.95 9.42
C GLY C 136 12.40 -20.78 9.75
N LEU C 137 11.98 -19.55 10.02
CA LEU C 137 10.57 -19.15 10.12
C LEU C 137 9.82 -19.88 11.22
N VAL C 138 10.55 -20.49 12.15
CA VAL C 138 9.93 -21.38 13.14
C VAL C 138 8.87 -20.66 13.97
N ARG C 139 8.96 -19.34 14.10
CA ARG C 139 7.98 -18.60 14.90
C ARG C 139 7.15 -17.65 14.03
N LEU C 140 7.04 -17.91 12.73
CA LEU C 140 6.29 -17.00 11.87
C LEU C 140 4.80 -16.97 12.25
N GLU C 141 4.20 -18.12 12.55
CA GLU C 141 2.76 -18.16 12.81
C GLU C 141 2.38 -17.32 14.02
N TYR C 142 3.08 -17.53 15.14
CA TYR C 142 2.88 -16.67 16.30
C TYR C 142 2.97 -15.20 15.92
N ARG C 143 3.91 -14.87 15.03
CA ARG C 143 4.09 -13.48 14.63
C ARG C 143 2.84 -12.96 13.95
N GLN C 144 2.21 -13.80 13.14
CA GLN C 144 0.98 -13.43 12.49
C GLN C 144 -0.12 -13.21 13.52
N ARG C 145 -0.26 -14.15 14.47
CA ARG C 145 -1.22 -13.93 15.56
C ARG C 145 -0.94 -12.64 16.30
N TRP C 146 0.35 -12.32 16.49
CA TRP C 146 0.73 -11.09 17.18
C TRP C 146 0.33 -9.87 16.38
N ASP C 147 0.71 -9.85 15.09
CA ASP C 147 0.45 -8.70 14.24
C ASP C 147 -1.00 -8.28 14.32
N GLU C 148 -1.91 -9.25 14.37
CA GLU C 148 -3.34 -8.96 14.40
C GLU C 148 -3.74 -8.41 15.76
N ALA C 149 -3.23 -9.00 16.82
CA ALA C 149 -3.56 -8.51 18.15
C ALA C 149 -3.01 -7.11 18.32
N PHE C 150 -1.82 -6.86 17.78
CA PHE C 150 -1.21 -5.54 17.87
C PHE C 150 -1.97 -4.53 17.05
N ARG C 151 -2.37 -4.93 15.84
CA ARG C 151 -3.22 -4.11 14.98
C ARG C 151 -4.44 -3.62 15.74
N LYS C 152 -5.22 -4.56 16.28
CA LYS C 152 -6.49 -4.20 16.91
C LYS C 152 -6.29 -3.34 18.15
N PHE C 153 -5.35 -3.74 19.01
CA PHE C 153 -4.99 -2.92 20.16
C PHE C 153 -4.70 -1.49 19.74
N LEU C 154 -4.00 -1.33 18.62
CA LEU C 154 -3.57 0.00 18.22
C LEU C 154 -4.74 0.84 17.70
N LYS C 155 -5.66 0.22 16.95
CA LYS C 155 -6.87 0.94 16.56
C LYS C 155 -7.58 1.49 17.78
N GLY C 156 -7.95 0.62 18.70
CA GLY C 156 -8.60 1.04 19.92
C GLY C 156 -7.95 2.27 20.53
N LEU C 157 -6.64 2.36 20.40
CA LEU C 157 -5.85 3.49 20.87
C LEU C 157 -5.72 4.77 20.07
N ALA C 158 -5.48 4.64 18.75
CA ALA C 158 -5.46 5.80 17.87
C ALA C 158 -6.82 6.50 17.76
N SER C 159 -7.86 5.99 18.44
CA SER C 159 -9.22 6.51 18.37
C SER C 159 -9.51 7.56 19.43
N ARG C 160 -8.49 8.08 20.13
CA ARG C 160 -8.66 9.23 20.99
C ARG C 160 -7.66 10.33 20.64
N LYS C 161 -6.48 10.23 21.24
CA LYS C 161 -5.31 11.02 20.92
C LYS C 161 -4.61 10.42 19.72
N PRO C 162 -3.88 11.22 18.96
CA PRO C 162 -3.10 10.67 17.84
C PRO C 162 -1.98 9.77 18.34
N LEU C 163 -1.52 8.92 17.43
CA LEU C 163 -0.62 7.85 17.79
C LEU C 163 0.71 8.02 17.08
N VAL C 164 1.79 7.83 17.84
CA VAL C 164 3.10 7.59 17.27
C VAL C 164 3.54 6.23 17.75
N LEU C 165 4.00 5.40 16.81
CA LEU C 165 4.47 4.06 17.10
C LEU C 165 5.91 4.01 16.63
N CYS C 166 6.81 3.66 17.55
CA CYS C 166 8.23 3.57 17.26
C CYS C 166 8.78 2.28 17.86
N GLY C 167 9.84 1.79 17.25
CA GLY C 167 10.54 0.66 17.81
C GLY C 167 10.93 -0.28 16.71
N ASP C 168 11.37 -1.48 17.13
CA ASP C 168 11.70 -2.53 16.19
C ASP C 168 10.45 -3.26 15.75
N LEU C 169 10.13 -3.18 14.47
CA LEU C 169 8.92 -3.80 13.98
C LEU C 169 9.20 -5.07 13.21
N ASN C 170 10.46 -5.43 13.05
CA ASN C 170 10.90 -6.73 12.54
C ASN C 170 10.18 -7.08 11.25
N VAL C 171 10.10 -6.09 10.36
CA VAL C 171 9.57 -6.27 9.02
C VAL C 171 10.17 -5.22 8.09
N ALA C 172 10.70 -5.65 6.96
CA ALA C 172 11.07 -4.71 5.91
C ALA C 172 9.86 -4.54 5.01
N HIS C 173 9.29 -3.35 4.98
CA HIS C 173 8.04 -3.19 4.26
C HIS C 173 8.16 -3.64 2.80
N GLU C 174 8.89 -2.89 1.99
CA GLU C 174 9.03 -3.26 0.58
C GLU C 174 10.50 -3.48 0.24
N GLU C 175 10.75 -3.68 -1.04
CA GLU C 175 12.07 -4.11 -1.46
C GLU C 175 13.10 -2.99 -1.37
N ILE C 176 12.65 -1.74 -1.34
CA ILE C 176 13.56 -0.63 -1.06
C ILE C 176 14.13 -0.68 0.35
N ASP C 177 13.49 -1.45 1.24
CA ASP C 177 13.81 -1.49 2.66
C ASP C 177 14.86 -2.56 3.01
N LEU C 178 15.47 -3.22 2.04
CA LEU C 178 16.57 -4.13 2.34
C LEU C 178 17.49 -4.18 1.13
N ARG C 179 18.72 -4.63 1.38
CA ARG C 179 19.67 -4.73 0.28
C ARG C 179 19.39 -5.93 -0.62
N ASN C 180 19.11 -7.10 -0.05
CA ASN C 180 18.91 -8.29 -0.88
C ASN C 180 17.46 -8.77 -0.76
N PRO C 181 16.51 -8.10 -1.44
CA PRO C 181 15.11 -8.52 -1.32
C PRO C 181 14.81 -9.95 -1.78
N LYS C 182 15.38 -10.39 -2.90
CA LYS C 182 14.95 -11.66 -3.49
C LYS C 182 15.55 -12.86 -2.76
N GLY C 183 16.85 -12.83 -2.48
CA GLY C 183 17.46 -13.87 -1.68
C GLY C 183 16.98 -13.91 -0.23
N ASN C 184 15.88 -13.19 0.07
CA ASN C 184 15.40 -12.98 1.44
C ASN C 184 13.90 -13.04 1.58
N LYS C 185 13.15 -13.36 0.53
CA LYS C 185 11.70 -13.38 0.61
C LYS C 185 11.18 -14.61 1.37
N LYS C 186 12.06 -15.50 1.85
CA LYS C 186 11.67 -16.59 2.75
C LYS C 186 12.44 -16.55 4.07
N ASN C 187 13.21 -15.50 4.32
CA ASN C 187 13.93 -15.30 5.57
C ASN C 187 13.17 -14.30 6.43
N ALA C 188 13.45 -14.34 7.73
CA ALA C 188 12.59 -13.60 8.66
C ALA C 188 12.66 -12.10 8.39
N GLY C 189 11.52 -11.44 8.50
CA GLY C 189 11.46 -10.02 8.28
C GLY C 189 10.97 -9.61 6.90
N PHE C 190 11.15 -10.47 5.89
CA PHE C 190 10.72 -10.14 4.54
C PHE C 190 9.75 -11.18 3.96
N THR C 191 9.07 -11.94 4.81
CA THR C 191 8.08 -12.86 4.31
C THR C 191 6.88 -12.09 3.75
N PRO C 192 6.16 -12.67 2.80
CA PRO C 192 4.92 -12.04 2.34
C PRO C 192 3.96 -11.81 3.48
N GLN C 193 4.02 -12.63 4.52
CA GLN C 193 3.07 -12.58 5.62
C GLN C 193 3.40 -11.46 6.59
N GLU C 194 4.69 -11.27 6.88
CA GLU C 194 5.10 -10.12 7.69
C GLU C 194 4.84 -8.84 6.92
N ARG C 195 5.19 -8.82 5.63
CA ARG C 195 4.98 -7.64 4.79
C ARG C 195 3.51 -7.23 4.74
N GLN C 196 2.62 -8.13 4.31
CA GLN C 196 1.19 -7.77 4.24
C GLN C 196 0.68 -7.33 5.62
N GLY C 197 1.22 -7.91 6.69
CA GLY C 197 0.80 -7.50 8.01
C GLY C 197 1.14 -6.05 8.29
N PHE C 198 2.32 -5.62 7.86
CA PHE C 198 2.69 -4.22 7.99
C PHE C 198 1.72 -3.36 7.20
N GLY C 199 1.49 -3.74 5.93
CA GLY C 199 0.51 -3.04 5.12
C GLY C 199 -0.83 -2.93 5.80
N GLU C 200 -1.32 -4.04 6.35
CA GLU C 200 -2.62 -3.98 7.00
C GLU C 200 -2.59 -3.03 8.19
N LEU C 201 -1.44 -2.91 8.87
CA LEU C 201 -1.36 -2.03 10.04
C LEU C 201 -1.49 -0.56 9.65
N LEU C 202 -0.82 -0.14 8.58
CA LEU C 202 -0.96 1.24 8.12
C LEU C 202 -2.37 1.52 7.62
N GLN C 203 -2.99 0.53 6.98
CA GLN C 203 -4.35 0.70 6.49
C GLN C 203 -5.34 0.73 7.65
N ALA C 204 -5.17 -0.18 8.60
CA ALA C 204 -6.22 -0.39 9.59
C ALA C 204 -6.26 0.69 10.66
N VAL C 205 -5.11 1.23 11.07
CA VAL C 205 -5.09 2.00 12.33
C VAL C 205 -5.75 3.37 12.18
N PRO C 206 -5.41 4.20 11.17
CA PRO C 206 -4.35 4.10 10.18
C PRO C 206 -3.10 4.82 10.67
N LEU C 207 -1.98 4.54 9.99
CA LEU C 207 -0.68 5.08 10.32
C LEU C 207 0.10 5.28 9.02
N ALA C 208 0.95 6.30 9.01
CA ALA C 208 1.86 6.56 7.92
C ALA C 208 3.29 6.23 8.36
N ASP C 209 4.14 5.83 7.42
CA ASP C 209 5.54 5.49 7.66
C ASP C 209 6.34 6.76 7.47
N SER C 210 6.59 7.46 8.60
CA SER C 210 7.26 8.77 8.64
C SER C 210 8.45 8.88 7.68
N PHE C 211 9.36 7.92 7.72
CA PHE C 211 10.52 8.01 6.84
C PHE C 211 10.09 7.98 5.39
N ARG C 212 9.19 7.06 5.03
CA ARG C 212 8.81 6.92 3.63
C ARG C 212 7.99 8.11 3.16
N HIS C 213 7.13 8.64 4.03
CA HIS C 213 6.37 9.83 3.68
C HIS C 213 7.26 11.01 3.34
N LEU C 214 8.48 11.06 3.90
CA LEU C 214 9.42 12.09 3.52
C LEU C 214 10.46 11.64 2.50
N TYR C 215 10.77 10.35 2.42
CA TYR C 215 11.86 9.87 1.57
C TYR C 215 11.36 8.70 0.72
N PRO C 216 10.32 8.93 -0.09
CA PRO C 216 9.56 7.80 -0.65
C PRO C 216 10.32 6.97 -1.65
N ASN C 217 11.43 7.45 -2.22
CA ASN C 217 12.19 6.67 -3.18
C ASN C 217 13.68 6.70 -2.89
N THR C 218 14.04 6.95 -1.65
CA THR C 218 15.43 6.87 -1.27
C THR C 218 15.76 5.41 -0.98
N PRO C 219 16.76 4.84 -1.64
CA PRO C 219 17.19 3.47 -1.33
C PRO C 219 18.36 3.45 -0.37
N TYR C 220 18.69 2.24 0.06
CA TYR C 220 19.88 1.94 0.86
C TYR C 220 19.79 2.51 2.27
N ALA C 221 18.59 2.96 2.68
CA ALA C 221 18.38 3.45 4.04
C ALA C 221 17.92 2.30 4.92
N TYR C 222 18.83 1.81 5.77
CA TYR C 222 18.58 0.65 6.63
C TYR C 222 18.90 1.01 8.08
N THR C 223 18.25 0.32 9.01
CA THR C 223 18.49 0.51 10.43
C THR C 223 19.10 -0.72 11.10
N PHE C 224 19.36 -1.79 10.35
CA PHE C 224 19.90 -3.02 10.91
C PHE C 224 20.89 -3.68 9.97
N TRP C 225 22.00 -4.19 10.52
CA TRP C 225 22.98 -4.97 9.75
C TRP C 225 23.47 -6.11 10.60
N THR C 226 23.32 -7.34 10.10
CA THR C 226 23.80 -8.48 10.85
C THR C 226 25.27 -8.31 11.19
N TYR C 227 25.63 -8.67 12.42
CA TYR C 227 27.03 -8.56 12.81
C TYR C 227 27.92 -9.31 11.84
N MET C 228 27.37 -10.32 11.16
CA MET C 228 28.19 -11.27 10.45
C MET C 228 28.57 -10.78 9.05
N MET C 229 29.67 -11.34 8.54
N MET C 229 29.63 -11.36 8.50
CA MET C 229 30.15 -11.14 7.17
CA MET C 229 30.04 -11.10 7.11
C MET C 229 30.25 -9.64 6.83
C MET C 229 30.19 -9.61 6.83
N ASN C 230 30.67 -8.86 7.83
CA ASN C 230 31.00 -7.44 7.66
C ASN C 230 29.84 -6.61 7.13
N ALA C 231 28.61 -6.97 7.51
CA ALA C 231 27.47 -6.55 6.70
C ALA C 231 27.26 -5.04 6.75
N ARG C 232 27.70 -4.39 7.83
CA ARG C 232 27.51 -2.95 7.95
C ARG C 232 28.54 -2.18 7.13
N SER C 233 29.77 -2.69 7.09
CA SER C 233 30.83 -2.04 6.31
C SER C 233 30.45 -1.93 4.83
N LYS C 234 29.59 -2.82 4.35
CA LYS C 234 29.09 -2.77 2.99
C LYS C 234 27.64 -2.31 2.94
N ASN C 235 27.10 -1.81 4.06
CA ASN C 235 25.72 -1.29 4.14
C ASN C 235 24.73 -2.27 3.52
N VAL C 236 24.96 -3.56 3.75
CA VAL C 236 24.00 -4.60 3.44
C VAL C 236 23.10 -4.76 4.67
N GLY C 237 21.87 -4.28 4.57
CA GLY C 237 21.05 -4.27 5.76
C GLY C 237 19.58 -4.07 5.48
N TRP C 238 18.84 -3.89 6.59
CA TRP C 238 17.38 -3.89 6.60
C TRP C 238 16.85 -2.67 7.34
N ARG C 239 15.69 -2.18 6.89
CA ARG C 239 14.97 -1.11 7.59
C ARG C 239 13.93 -1.81 8.47
N LEU C 240 14.32 -2.10 9.72
CA LEU C 240 13.44 -2.75 10.70
C LEU C 240 12.83 -1.77 11.72
N ASP C 241 13.34 -0.56 11.80
CA ASP C 241 12.94 0.40 12.82
C ASP C 241 12.20 1.58 12.21
N TYR C 242 11.12 1.99 12.88
CA TYR C 242 10.17 2.87 12.25
C TYR C 242 9.69 3.90 13.24
N PHE C 243 9.19 5.00 12.70
CA PHE C 243 8.19 5.85 13.33
C PHE C 243 6.95 5.79 12.46
N LEU C 244 5.83 5.37 13.04
CA LEU C 244 4.55 5.34 12.35
C LEU C 244 3.64 6.37 12.99
N LEU C 245 2.98 7.19 12.17
CA LEU C 245 2.24 8.34 12.66
C LEU C 245 0.77 8.24 12.30
N SER C 246 -0.09 8.58 13.26
CA SER C 246 -1.45 8.95 12.94
C SER C 246 -1.44 9.95 11.79
N HIS C 247 -2.45 9.90 10.92
CA HIS C 247 -2.41 10.81 9.78
C HIS C 247 -2.54 12.25 10.25
N SER C 248 -3.21 12.47 11.37
CA SER C 248 -3.38 13.83 11.88
C SER C 248 -2.05 14.46 12.23
N LEU C 249 -1.06 13.68 12.61
CA LEU C 249 0.22 14.24 13.04
C LEU C 249 1.14 14.57 11.88
N LEU C 250 0.72 14.33 10.64
CA LEU C 250 1.65 14.51 9.54
C LEU C 250 2.03 15.98 9.36
N PRO C 251 1.10 16.93 9.34
CA PRO C 251 1.54 18.34 9.20
C PRO C 251 2.54 18.77 10.27
N ALA C 252 2.61 18.06 11.40
CA ALA C 252 3.56 18.38 12.46
C ALA C 252 4.88 17.61 12.32
N LEU C 253 4.96 16.71 11.35
CA LEU C 253 6.18 15.94 11.15
C LEU C 253 7.21 16.85 10.48
N CYS C 254 8.36 17.03 11.14
CA CYS C 254 9.44 17.78 10.51
C CYS C 254 10.43 16.85 9.84
N ASP C 255 10.91 15.85 10.57
CA ASP C 255 11.83 14.93 9.93
C ASP C 255 11.86 13.60 10.68
N SER C 256 12.36 12.58 9.97
CA SER C 256 12.55 11.24 10.52
C SER C 256 13.91 10.77 10.04
N LYS C 257 14.83 10.49 10.97
CA LYS C 257 16.25 10.31 10.68
C LYS C 257 16.73 8.88 11.00
N ILE C 258 17.74 8.41 10.28
CA ILE C 258 18.40 7.14 10.55
C ILE C 258 19.87 7.43 10.90
N ARG C 259 20.23 7.27 12.18
CA ARG C 259 21.57 7.68 12.63
C ARG C 259 22.61 6.62 12.25
N SER C 260 22.94 6.60 10.95
CA SER C 260 23.82 5.60 10.37
C SER C 260 25.08 5.39 11.20
N LYS C 261 25.69 6.49 11.66
CA LYS C 261 27.04 6.47 12.22
C LYS C 261 27.11 5.95 13.67
N ALA C 262 26.01 6.01 14.42
CA ALA C 262 26.05 5.68 15.84
C ALA C 262 26.15 4.18 16.06
N LEU C 263 27.04 3.76 16.94
CA LEU C 263 27.30 2.34 17.09
C LEU C 263 26.96 1.89 18.50
N GLY C 264 27.10 0.59 18.72
CA GLY C 264 26.88 0.00 20.03
C GLY C 264 25.93 -1.17 19.93
N SER C 265 25.42 -1.38 18.74
CA SER C 265 24.37 -2.37 18.50
C SER C 265 24.46 -2.77 17.03
N ASP C 266 23.75 -3.84 16.69
CA ASP C 266 23.62 -4.15 15.27
C ASP C 266 22.45 -3.41 14.63
N HIS C 267 21.64 -2.70 15.43
CA HIS C 267 20.73 -1.69 14.93
C HIS C 267 21.38 -0.34 15.13
N CYS C 268 20.85 0.64 14.42
CA CYS C 268 21.28 2.02 14.62
C CYS C 268 20.10 2.82 15.15
N PRO C 269 20.34 4.00 15.69
CA PRO C 269 19.24 4.78 16.26
C PRO C 269 18.39 5.38 15.15
N ILE C 270 17.14 5.67 15.49
CA ILE C 270 16.31 6.48 14.61
C ILE C 270 15.70 7.60 15.42
N THR C 271 15.58 8.76 14.81
CA THR C 271 15.13 9.92 15.53
C THR C 271 14.03 10.62 14.76
N LEU C 272 12.97 11.01 15.47
CA LEU C 272 11.81 11.70 14.91
C LEU C 272 11.78 13.12 15.45
N TYR C 273 11.46 14.09 14.59
CA TYR C 273 11.26 15.48 15.00
C TYR C 273 9.81 15.85 14.75
N LEU C 274 9.11 16.31 15.77
CA LEU C 274 7.75 16.79 15.62
C LEU C 274 7.64 18.24 16.10
N ALA C 275 6.72 18.98 15.47
CA ALA C 275 6.37 20.35 15.82
C ALA C 275 5.02 20.34 16.55
N LEU C 276 5.07 20.24 17.87
CA LEU C 276 3.87 20.14 18.72
C LEU C 276 3.55 21.43 19.48
C1' YA4 D 11 15.82 -9.71 9.90
C1' YA4 D 11 15.76 -9.75 9.94
C2' YA4 D 11 17.01 -10.62 9.34
C2' YA4 D 11 17.01 -10.59 9.37
C3' YA4 D 11 17.66 -10.98 10.35
C3' YA4 D 11 17.66 -10.96 10.37
C4' YA4 D 11 16.58 -10.96 11.63
C4' YA4 D 11 16.65 -10.89 11.70
C5' YA4 D 11 17.29 -10.29 12.72
C5' YA4 D 11 17.37 -10.14 12.75
O2' YA4 D 11 16.49 -11.86 8.73
O2' YA4 D 11 16.56 -11.79 8.65
O3' YA4 D 11 18.11 -12.35 10.11
O3' YA4 D 11 18.10 -12.34 10.12
O4' YA4 D 11 15.53 -10.30 11.28
O4' YA4 D 11 15.55 -10.29 11.37
O5' YA4 D 11 16.38 -9.94 13.70
O5' YA4 D 11 16.45 -9.60 13.64
OP1 YA4 D 11 15.52 -9.69 16.26
OP1 YA4 D 11 17.82 -8.49 15.42
P YA4 D 11 16.80 -9.77 15.17
P YA4 D 11 16.74 -9.74 15.26
SP3 YA4 D 11 18.07 -8.05 15.15
SP3 YA4 D 11 14.97 -9.45 16.41
MN MN E . 19.57 -8.57 18.89
#